data_6FOD
#
_entry.id   6FOD
#
_cell.length_a   65.930
_cell.length_b   65.930
_cell.length_c   264.200
_cell.angle_alpha   90.00
_cell.angle_beta   90.00
_cell.angle_gamma   120.00
#
_symmetry.space_group_name_H-M   'P 65 2 2'
#
loop_
_entity.id
_entity.type
_entity.pdbx_description
1 polymer 'Vitamin D3 receptor A'
2 polymer 'Nuclear receptor coactivator 1'
3 non-polymer (1~{R},3~{S},5~{Z})-4-methylidene-5-[(~{E})-3-[3-(6-methyl-6-oxidanyl-heptyl)phenyl]pent-2-enylidene]cyclohexane-1,3-diol
4 water water
#
loop_
_entity_poly.entity_id
_entity_poly.type
_entity_poly.pdbx_seq_one_letter_code
_entity_poly.pdbx_strand_id
1 'polypeptide(L)'
;HMLSDEQMQIINSLVEAHHKTYDDSYSDFVRFRPPVREGPVTRSASRAASLHSLSDASSDSFNHSPESVDTKLNFSNLLM
MYQDSGSPDSSEEDQQSRLSMLPHLADLVSYSIQKVIGFAKMIPGFRDLTAEDQIALLKSSAIEIIMLRSNQSFSLEDMS
WSCGGPDFKYCINDVTKAGHTLELLEPLVKFQVGLKKLKLHEEEHVLLMAICLLSPDRPGVQDHVRIEALQDRLCDVLQA
YIRIQHPGGRLLYAKMIQKLADLRSLNEEHSKQYRSLSFQPEHSMQLTPLVLEVFGSEVS
;
A
2 'polypeptide(L)' RHKILHRLLQEGSPS B
#
# COMPACT_ATOMS: atom_id res chain seq x y z
N HIS A 1 -32.65 -3.05 1.00
CA HIS A 1 -31.81 -2.75 -0.16
C HIS A 1 -30.62 -3.72 -0.42
N MET A 2 -30.10 -3.71 -1.67
CA MET A 2 -29.02 -4.57 -2.15
C MET A 2 -28.08 -3.89 -3.15
N LEU A 3 -26.88 -4.49 -3.37
CA LEU A 3 -25.85 -4.03 -4.31
C LEU A 3 -26.31 -4.24 -5.76
N SER A 4 -25.93 -3.31 -6.67
CA SER A 4 -26.26 -3.39 -8.09
C SER A 4 -25.19 -4.19 -8.82
N ASP A 5 -25.51 -4.62 -10.07
CA ASP A 5 -24.58 -5.34 -10.94
C ASP A 5 -23.23 -4.60 -11.06
N GLU A 6 -23.27 -3.26 -11.30
CA GLU A 6 -22.06 -2.42 -11.46
C GLU A 6 -21.16 -2.45 -10.23
N GLN A 7 -21.77 -2.33 -9.04
CA GLN A 7 -21.11 -2.34 -7.73
C GLN A 7 -20.49 -3.73 -7.48
N MET A 8 -21.24 -4.78 -7.87
CA MET A 8 -20.80 -6.16 -7.76
C MET A 8 -19.58 -6.43 -8.69
N GLN A 9 -19.63 -5.91 -9.94
CA GLN A 9 -18.54 -6.06 -10.91
C GLN A 9 -17.25 -5.37 -10.42
N ILE A 10 -17.39 -4.21 -9.72
CA ILE A 10 -16.27 -3.47 -9.14
C ILE A 10 -15.62 -4.34 -8.06
N ILE A 11 -16.42 -4.95 -7.18
CA ILE A 11 -15.92 -5.86 -6.13
C ILE A 11 -15.20 -7.06 -6.77
N ASN A 12 -15.82 -7.72 -7.75
CA ASN A 12 -15.23 -8.84 -8.48
C ASN A 12 -13.91 -8.54 -9.08
N SER A 13 -13.80 -7.42 -9.80
CA SER A 13 -12.54 -7.00 -10.43
C SER A 13 -11.45 -6.72 -9.42
N LEU A 14 -11.80 -6.05 -8.31
CA LEU A 14 -10.81 -5.70 -7.30
C LEU A 14 -10.29 -6.91 -6.55
N VAL A 15 -11.19 -7.80 -6.07
CA VAL A 15 -10.80 -9.04 -5.38
C VAL A 15 -9.87 -9.90 -6.30
N GLU A 16 -10.24 -10.05 -7.61
CA GLU A 16 -9.42 -10.77 -8.59
C GLU A 16 -8.02 -10.15 -8.75
N ALA A 17 -7.92 -8.81 -8.84
CA ALA A 17 -6.65 -8.07 -8.98
C ALA A 17 -5.75 -8.30 -7.80
N HIS A 18 -6.33 -8.33 -6.59
CA HIS A 18 -5.58 -8.61 -5.37
C HIS A 18 -5.12 -10.05 -5.32
N HIS A 19 -5.99 -11.01 -5.72
CA HIS A 19 -5.57 -12.41 -5.77
C HIS A 19 -4.43 -12.64 -6.73
N LYS A 20 -4.34 -11.83 -7.81
CA LYS A 20 -3.31 -11.90 -8.84
C LYS A 20 -2.02 -11.21 -8.42
N THR A 21 -2.06 -10.27 -7.45
CA THR A 21 -0.89 -9.48 -7.08
C THR A 21 -0.42 -9.64 -5.63
N TYR A 22 -1.04 -10.56 -4.88
CA TYR A 22 -0.65 -10.86 -3.51
C TYR A 22 -0.55 -12.38 -3.31
N ASP A 23 0.66 -12.87 -2.99
CA ASP A 23 0.98 -14.28 -2.74
C ASP A 23 1.00 -14.58 -1.24
N ASP A 24 0.06 -15.41 -0.77
CA ASP A 24 -0.04 -15.75 0.66
C ASP A 24 1.04 -16.67 1.17
N SER A 25 1.81 -17.30 0.26
CA SER A 25 2.91 -18.19 0.62
C SER A 25 4.23 -17.41 0.81
N TYR A 26 4.33 -16.18 0.19
CA TYR A 26 5.51 -15.32 0.19
C TYR A 26 6.73 -16.04 -0.41
N SER A 27 6.49 -16.83 -1.48
CA SER A 27 7.50 -17.69 -2.11
C SER A 27 8.53 -16.93 -2.93
N ASP A 28 8.19 -15.71 -3.37
CA ASP A 28 9.14 -14.87 -4.13
C ASP A 28 10.20 -14.21 -3.25
N PHE A 29 10.07 -14.29 -1.91
CA PHE A 29 10.97 -13.67 -0.92
C PHE A 29 12.40 -14.25 -0.91
N VAL A 30 12.58 -15.48 -1.41
CA VAL A 30 13.88 -16.15 -1.52
C VAL A 30 14.73 -15.51 -2.64
N ARG A 31 14.09 -14.78 -3.57
CA ARG A 31 14.77 -14.11 -4.69
C ARG A 31 15.37 -12.74 -4.29
N PHE A 32 15.00 -12.20 -3.11
CA PHE A 32 15.55 -10.91 -2.63
C PHE A 32 16.91 -11.14 -2.01
N ARG A 33 17.71 -10.04 -1.88
CA ARG A 33 18.98 -10.06 -1.14
C ARG A 33 18.61 -10.55 0.28
N PRO A 34 19.34 -11.48 0.87
CA PRO A 34 18.87 -12.04 2.14
C PRO A 34 18.83 -11.10 3.32
N PRO A 35 17.91 -11.34 4.28
CA PRO A 35 17.90 -10.51 5.51
C PRO A 35 19.18 -10.72 6.33
N VAL A 36 19.65 -9.62 6.95
CA VAL A 36 20.82 -9.66 7.84
C VAL A 36 20.44 -8.97 9.17
N ARG A 37 20.57 -9.70 10.30
CA ARG A 37 20.28 -9.15 11.64
C ARG A 37 21.49 -9.31 12.56
N ARG A 98 25.95 -1.79 9.43
CA ARG A 98 25.30 -0.48 9.38
C ARG A 98 24.13 -0.48 8.39
N LEU A 99 22.91 -0.74 8.92
CA LEU A 99 21.63 -0.89 8.19
C LEU A 99 21.62 -2.22 7.44
N SER A 100 21.82 -3.30 8.20
CA SER A 100 21.95 -4.66 7.70
C SER A 100 20.71 -5.20 6.98
N MET A 101 19.53 -4.70 7.34
CA MET A 101 18.23 -5.07 6.78
C MET A 101 17.80 -4.26 5.56
N LEU A 102 18.48 -3.15 5.27
CA LEU A 102 18.19 -2.31 4.12
C LEU A 102 18.14 -3.08 2.77
N PRO A 103 19.13 -3.93 2.37
CA PRO A 103 19.03 -4.60 1.07
C PRO A 103 17.79 -5.46 0.94
N HIS A 104 17.49 -6.28 1.96
CA HIS A 104 16.31 -7.15 1.94
C HIS A 104 15.00 -6.36 1.89
N LEU A 105 14.88 -5.33 2.74
CA LEU A 105 13.67 -4.53 2.82
C LEU A 105 13.47 -3.66 1.60
N ALA A 106 14.55 -3.18 0.96
CA ALA A 106 14.48 -2.41 -0.29
C ALA A 106 13.96 -3.34 -1.40
N ASP A 107 14.48 -4.59 -1.45
CA ASP A 107 14.02 -5.60 -2.41
C ASP A 107 12.55 -5.97 -2.19
N LEU A 108 12.14 -6.12 -0.92
CA LEU A 108 10.76 -6.40 -0.53
C LEU A 108 9.82 -5.27 -0.96
N VAL A 109 10.20 -4.02 -0.70
CA VAL A 109 9.42 -2.86 -1.06
C VAL A 109 9.40 -2.69 -2.60
N SER A 110 10.51 -3.00 -3.29
CA SER A 110 10.57 -2.87 -4.75
C SER A 110 9.61 -3.84 -5.39
N TYR A 111 9.63 -5.09 -4.88
CA TYR A 111 8.74 -6.16 -5.30
C TYR A 111 7.26 -5.75 -5.07
N SER A 112 6.95 -5.16 -3.89
CA SER A 112 5.60 -4.72 -3.55
C SER A 112 5.10 -3.56 -4.42
N ILE A 113 5.98 -2.58 -4.80
CA ILE A 113 5.62 -1.48 -5.73
C ILE A 113 5.08 -2.15 -7.01
N GLN A 114 5.82 -3.17 -7.54
CA GLN A 114 5.43 -3.85 -8.76
C GLN A 114 4.04 -4.42 -8.68
N LYS A 115 3.71 -5.03 -7.53
CA LYS A 115 2.42 -5.61 -7.22
C LYS A 115 1.33 -4.57 -7.14
N VAL A 116 1.59 -3.42 -6.47
CA VAL A 116 0.70 -2.26 -6.31
C VAL A 116 0.37 -1.68 -7.68
N ILE A 117 1.37 -1.60 -8.60
CA ILE A 117 1.18 -1.16 -9.99
C ILE A 117 0.21 -2.16 -10.70
N GLY A 118 0.48 -3.46 -10.54
CA GLY A 118 -0.35 -4.54 -11.07
C GLY A 118 -1.79 -4.39 -10.65
N PHE A 119 -2.03 -4.21 -9.33
CA PHE A 119 -3.34 -3.98 -8.70
C PHE A 119 -4.02 -2.74 -9.24
N ALA A 120 -3.28 -1.61 -9.27
CA ALA A 120 -3.73 -0.28 -9.69
C ALA A 120 -4.29 -0.31 -11.10
N LYS A 121 -3.53 -0.93 -12.02
CA LYS A 121 -3.91 -1.09 -13.43
C LYS A 121 -5.24 -1.80 -13.65
N MET A 122 -5.73 -2.53 -12.63
CA MET A 122 -6.98 -3.27 -12.70
C MET A 122 -8.12 -2.60 -11.93
N ILE A 123 -7.83 -1.49 -11.22
CA ILE A 123 -8.86 -0.71 -10.54
C ILE A 123 -9.67 -0.08 -11.63
N PRO A 124 -11.01 -0.31 -11.66
CA PRO A 124 -11.83 0.28 -12.74
C PRO A 124 -11.74 1.82 -12.78
N GLY A 125 -11.32 2.34 -13.93
CA GLY A 125 -11.16 3.77 -14.14
C GLY A 125 -9.73 4.27 -14.17
N PHE A 126 -8.85 3.64 -13.38
CA PHE A 126 -7.43 3.98 -13.25
C PHE A 126 -6.68 4.00 -14.60
N ARG A 127 -6.94 2.98 -15.44
CA ARG A 127 -6.31 2.82 -16.76
C ARG A 127 -6.68 3.95 -17.73
N ASP A 128 -7.82 4.62 -17.49
CA ASP A 128 -8.34 5.72 -18.31
C ASP A 128 -7.76 7.07 -17.99
N LEU A 129 -7.15 7.22 -16.79
CA LEU A 129 -6.46 8.44 -16.36
C LEU A 129 -5.20 8.61 -17.23
N THR A 130 -4.63 9.84 -17.27
CA THR A 130 -3.39 10.08 -18.02
C THR A 130 -2.23 9.36 -17.35
N ALA A 131 -1.18 8.98 -18.10
CA ALA A 131 0.00 8.32 -17.55
C ALA A 131 0.58 9.15 -16.40
N GLU A 132 0.40 10.48 -16.48
CA GLU A 132 0.84 11.50 -15.53
C GLU A 132 0.10 11.36 -14.20
N ASP A 133 -1.27 11.28 -14.23
CA ASP A 133 -2.10 11.10 -13.05
C ASP A 133 -1.89 9.73 -12.46
N GLN A 134 -1.76 8.70 -13.31
CA GLN A 134 -1.43 7.34 -12.89
C GLN A 134 -0.14 7.34 -12.08
N ILE A 135 0.93 8.00 -12.60
CA ILE A 135 2.24 8.12 -11.92
C ILE A 135 2.13 8.95 -10.62
N ALA A 136 1.49 10.14 -10.69
CA ALA A 136 1.27 11.03 -9.54
C ALA A 136 0.53 10.31 -8.41
N LEU A 137 -0.46 9.47 -8.75
CA LEU A 137 -1.24 8.70 -7.78
C LEU A 137 -0.44 7.56 -7.16
N LEU A 138 0.32 6.84 -8.01
CA LEU A 138 1.17 5.73 -7.58
C LEU A 138 2.28 6.22 -6.66
N LYS A 139 3.00 7.28 -7.07
CA LYS A 139 4.12 7.87 -6.33
C LYS A 139 3.76 8.25 -4.90
N SER A 140 2.68 9.00 -4.74
CA SER A 140 2.24 9.49 -3.43
C SER A 140 1.50 8.46 -2.57
N SER A 141 0.87 7.44 -3.16
CA SER A 141 0.14 6.46 -2.36
C SER A 141 0.85 5.13 -2.15
N ALA A 142 1.88 4.80 -2.95
CA ALA A 142 2.59 3.51 -2.90
C ALA A 142 2.89 3.01 -1.49
N ILE A 143 3.52 3.84 -0.64
CA ILE A 143 3.86 3.46 0.72
C ILE A 143 2.62 3.16 1.57
N GLU A 144 1.51 3.89 1.34
CA GLU A 144 0.23 3.70 2.05
C GLU A 144 -0.41 2.35 1.65
N ILE A 145 -0.38 2.01 0.34
CA ILE A 145 -0.90 0.73 -0.21
C ILE A 145 -0.06 -0.41 0.31
N ILE A 146 1.30 -0.21 0.40
CA ILE A 146 2.23 -1.18 0.94
C ILE A 146 1.87 -1.43 2.42
N MET A 147 1.61 -0.34 3.20
CA MET A 147 1.22 -0.43 4.61
C MET A 147 -0.08 -1.17 4.80
N LEU A 148 -1.09 -0.89 3.94
CA LEU A 148 -2.40 -1.56 3.95
C LEU A 148 -2.28 -3.03 3.58
N ARG A 149 -1.56 -3.35 2.50
CA ARG A 149 -1.47 -4.73 2.02
C ARG A 149 -0.68 -5.62 2.97
N SER A 150 0.31 -5.02 3.68
CA SER A 150 1.14 -5.71 4.67
C SER A 150 0.33 -6.23 5.85
N ASN A 151 -0.86 -5.65 6.11
CA ASN A 151 -1.76 -6.07 7.19
C ASN A 151 -2.13 -7.57 7.16
N GLN A 152 -2.23 -8.15 5.94
CA GLN A 152 -2.50 -9.56 5.62
C GLN A 152 -1.40 -10.48 6.21
N SER A 153 -0.16 -9.97 6.44
CA SER A 153 0.93 -10.74 7.04
C SER A 153 1.13 -10.38 8.51
N PHE A 154 0.49 -9.29 8.97
CA PHE A 154 0.64 -8.85 10.36
C PHE A 154 -0.06 -9.80 11.32
N SER A 155 0.62 -10.12 12.43
CA SER A 155 0.13 -11.01 13.47
C SER A 155 0.04 -10.24 14.78
N LEU A 156 -1.11 -10.33 15.46
CA LEU A 156 -1.32 -9.68 16.75
C LEU A 156 -0.59 -10.41 17.87
N GLU A 157 -0.26 -11.71 17.68
CA GLU A 157 0.44 -12.54 18.68
C GLU A 157 1.86 -12.08 18.93
N ASP A 158 2.63 -11.76 17.87
CA ASP A 158 4.02 -11.37 18.02
C ASP A 158 4.33 -9.95 17.51
N MET A 159 3.28 -9.17 17.16
CA MET A 159 3.39 -7.77 16.68
C MET A 159 4.37 -7.65 15.51
N SER A 160 4.34 -8.66 14.64
CA SER A 160 5.25 -8.72 13.51
C SER A 160 4.52 -9.15 12.25
N TRP A 161 5.21 -8.98 11.10
CA TRP A 161 4.77 -9.40 9.78
C TRP A 161 5.43 -10.76 9.57
N SER A 162 4.64 -11.82 9.50
CA SER A 162 5.16 -13.18 9.36
C SER A 162 5.03 -13.64 7.89
N CYS A 163 6.17 -13.67 7.16
CA CYS A 163 6.14 -13.99 5.73
C CYS A 163 6.81 -15.31 5.29
N GLY A 164 6.64 -16.36 6.06
CA GLY A 164 7.17 -17.66 5.67
C GLY A 164 7.86 -18.41 6.79
N GLY A 165 9.05 -17.94 7.17
CA GLY A 165 9.82 -18.62 8.21
C GLY A 165 10.49 -17.70 9.19
N PRO A 166 11.59 -18.17 9.83
CA PRO A 166 12.33 -17.32 10.79
C PRO A 166 13.02 -16.13 10.11
N ASP A 167 13.44 -16.32 8.85
CA ASP A 167 14.11 -15.31 8.04
C ASP A 167 13.18 -14.16 7.64
N PHE A 168 11.92 -14.49 7.24
CA PHE A 168 10.92 -13.53 6.77
C PHE A 168 9.87 -13.14 7.83
N LYS A 169 10.22 -13.25 9.12
CA LYS A 169 9.38 -12.73 10.21
C LYS A 169 10.02 -11.37 10.51
N TYR A 170 9.27 -10.27 10.29
CA TYR A 170 9.80 -8.92 10.48
C TYR A 170 9.20 -8.24 11.66
N CYS A 171 10.06 -7.76 12.58
CA CYS A 171 9.63 -7.03 13.77
C CYS A 171 10.11 -5.59 13.65
N ILE A 172 9.62 -4.70 14.53
CA ILE A 172 10.02 -3.26 14.59
C ILE A 172 11.56 -3.08 14.45
N ASN A 173 12.33 -3.84 15.24
CA ASN A 173 13.79 -3.82 15.28
C ASN A 173 14.46 -4.01 13.90
N ASP A 174 13.95 -4.95 13.09
CA ASP A 174 14.43 -5.24 11.74
C ASP A 174 14.28 -4.01 10.85
N VAL A 175 13.11 -3.32 10.92
CA VAL A 175 12.89 -2.12 10.12
C VAL A 175 13.79 -0.96 10.61
N THR A 176 14.16 -0.96 11.90
CA THR A 176 15.09 0.01 12.50
C THR A 176 16.44 -0.18 11.77
N LYS A 177 16.79 -1.45 11.46
CA LYS A 177 18.02 -1.81 10.76
C LYS A 177 17.93 -1.54 9.27
N ALA A 178 16.85 -0.88 8.82
CA ALA A 178 16.64 -0.43 7.44
C ALA A 178 16.60 1.11 7.38
N GLY A 179 17.11 1.78 8.43
CA GLY A 179 17.21 3.23 8.49
C GLY A 179 15.91 3.93 8.90
N HIS A 180 15.06 3.22 9.66
CA HIS A 180 13.83 3.79 10.13
C HIS A 180 13.83 3.89 11.68
N THR A 181 12.99 4.82 12.22
CA THR A 181 12.95 5.08 13.65
C THR A 181 11.61 4.73 14.26
N LEU A 182 11.52 4.80 15.59
CA LEU A 182 10.29 4.53 16.31
C LEU A 182 9.26 5.65 16.12
N GLU A 183 9.67 6.80 15.54
CA GLU A 183 8.77 7.91 15.21
C GLU A 183 7.82 7.48 14.07
N LEU A 184 8.21 6.42 13.34
CA LEU A 184 7.42 5.86 12.27
C LEU A 184 6.84 4.50 12.68
N LEU A 185 7.69 3.64 13.27
CA LEU A 185 7.40 2.26 13.63
C LEU A 185 6.41 2.07 14.78
N GLU A 186 6.41 2.98 15.77
CA GLU A 186 5.46 2.94 16.88
C GLU A 186 4.02 3.20 16.35
N PRO A 187 3.73 4.31 15.59
CA PRO A 187 2.37 4.47 15.03
C PRO A 187 2.01 3.44 13.95
N LEU A 188 3.00 2.88 13.25
CA LEU A 188 2.76 1.87 12.22
C LEU A 188 2.17 0.61 12.82
N VAL A 189 2.81 0.10 13.89
CA VAL A 189 2.39 -1.09 14.62
C VAL A 189 1.01 -0.84 15.22
N LYS A 190 0.78 0.36 15.84
CA LYS A 190 -0.52 0.77 16.39
C LYS A 190 -1.60 0.79 15.27
N PHE A 191 -1.25 1.31 14.05
CA PHE A 191 -2.14 1.31 12.88
C PHE A 191 -2.45 -0.14 12.46
N GLN A 192 -1.41 -1.00 12.38
CA GLN A 192 -1.51 -2.41 12.01
C GLN A 192 -2.45 -3.19 12.95
N VAL A 193 -2.30 -2.99 14.27
CA VAL A 193 -3.13 -3.59 15.32
C VAL A 193 -4.60 -3.16 15.17
N GLY A 194 -4.83 -1.86 14.97
CA GLY A 194 -6.16 -1.27 14.79
C GLY A 194 -6.88 -1.81 13.58
N LEU A 195 -6.22 -1.78 12.41
CA LEU A 195 -6.74 -2.31 11.15
C LEU A 195 -7.00 -3.81 11.26
N LYS A 196 -6.09 -4.55 11.94
CA LYS A 196 -6.26 -5.99 12.12
C LYS A 196 -7.49 -6.28 12.94
N LYS A 197 -7.73 -5.52 14.02
CA LYS A 197 -8.92 -5.66 14.86
C LYS A 197 -10.25 -5.37 14.11
N LEU A 198 -10.21 -4.63 12.96
CA LEU A 198 -11.43 -4.35 12.17
C LEU A 198 -11.93 -5.61 11.49
N LYS A 199 -11.12 -6.71 11.46
CA LYS A 199 -11.47 -8.01 10.88
C LYS A 199 -12.19 -7.83 9.55
N LEU A 200 -11.59 -7.01 8.69
CA LEU A 200 -12.08 -6.69 7.35
C LEU A 200 -12.34 -7.91 6.49
N HIS A 201 -13.41 -7.84 5.67
CA HIS A 201 -13.70 -8.84 4.66
C HIS A 201 -12.66 -8.56 3.57
N GLU A 202 -12.37 -9.53 2.72
CA GLU A 202 -11.42 -9.35 1.63
C GLU A 202 -11.89 -8.20 0.70
N GLU A 203 -13.22 -8.08 0.52
CA GLU A 203 -13.90 -7.06 -0.27
C GLU A 203 -13.68 -5.66 0.30
N GLU A 204 -13.68 -5.53 1.63
CA GLU A 204 -13.44 -4.23 2.28
C GLU A 204 -11.97 -3.84 2.19
N HIS A 205 -11.06 -4.79 2.41
CA HIS A 205 -9.61 -4.58 2.35
C HIS A 205 -9.14 -4.12 0.95
N VAL A 206 -9.70 -4.74 -0.09
CA VAL A 206 -9.42 -4.48 -1.48
C VAL A 206 -10.02 -3.12 -1.87
N LEU A 207 -11.21 -2.77 -1.31
CA LEU A 207 -11.87 -1.50 -1.57
C LEU A 207 -11.10 -0.38 -0.89
N LEU A 208 -10.65 -0.58 0.35
CA LEU A 208 -9.84 0.38 1.11
C LEU A 208 -8.54 0.74 0.36
N MET A 209 -7.87 -0.26 -0.24
CA MET A 209 -6.64 -0.06 -1.02
C MET A 209 -6.92 0.81 -2.27
N ALA A 210 -8.02 0.51 -2.98
CA ALA A 210 -8.42 1.21 -4.19
C ALA A 210 -8.85 2.64 -3.87
N ILE A 211 -9.50 2.84 -2.71
CA ILE A 211 -9.98 4.14 -2.23
C ILE A 211 -8.79 5.05 -1.92
N CYS A 212 -7.79 4.48 -1.25
CA CYS A 212 -6.51 5.08 -0.88
C CYS A 212 -5.78 5.56 -2.14
N LEU A 213 -5.61 4.65 -3.12
CA LEU A 213 -4.95 4.88 -4.41
C LEU A 213 -5.59 6.05 -5.14
N LEU A 214 -6.94 6.11 -5.15
CA LEU A 214 -7.68 7.13 -5.87
C LEU A 214 -8.02 8.40 -5.06
N SER A 215 -7.18 8.75 -4.07
CA SER A 215 -7.34 9.95 -3.25
C SER A 215 -6.95 11.13 -4.14
N PRO A 216 -7.85 12.12 -4.38
CA PRO A 216 -7.47 13.22 -5.28
C PRO A 216 -6.47 14.22 -4.68
N ASP A 217 -6.42 14.31 -3.34
CA ASP A 217 -5.55 15.21 -2.57
C ASP A 217 -4.10 14.70 -2.53
N ARG A 218 -3.44 14.67 -3.70
CA ARG A 218 -2.05 14.23 -3.75
C ARG A 218 -1.27 15.23 -4.55
N PRO A 219 0.02 15.46 -4.19
CA PRO A 219 0.85 16.36 -5.02
C PRO A 219 1.03 15.76 -6.43
N GLY A 220 0.94 16.62 -7.45
CA GLY A 220 1.11 16.24 -8.83
C GLY A 220 -0.14 15.91 -9.62
N VAL A 221 -1.23 15.50 -8.95
CA VAL A 221 -2.50 15.17 -9.64
C VAL A 221 -3.03 16.39 -10.36
N GLN A 222 -3.51 16.19 -11.58
CA GLN A 222 -4.03 17.25 -12.42
C GLN A 222 -5.56 17.21 -12.49
N ASP A 223 -6.14 16.06 -12.85
CA ASP A 223 -7.58 15.88 -12.98
C ASP A 223 -8.24 15.42 -11.65
N HIS A 224 -8.21 16.33 -10.62
CA HIS A 224 -8.79 16.04 -9.30
C HIS A 224 -10.30 15.84 -9.32
N VAL A 225 -10.99 16.24 -10.42
CA VAL A 225 -12.44 16.03 -10.52
C VAL A 225 -12.74 14.57 -10.96
N ARG A 226 -11.97 14.02 -11.93
CA ARG A 226 -12.15 12.65 -12.43
C ARG A 226 -11.69 11.59 -11.41
N ILE A 227 -10.64 11.88 -10.61
CA ILE A 227 -10.11 10.98 -9.57
C ILE A 227 -11.07 10.96 -8.36
N GLU A 228 -11.61 12.15 -7.99
CA GLU A 228 -12.57 12.32 -6.91
C GLU A 228 -13.84 11.54 -7.24
N ALA A 229 -14.27 11.51 -8.52
CA ALA A 229 -15.47 10.78 -8.95
C ALA A 229 -15.32 9.25 -8.83
N LEU A 230 -14.15 8.69 -9.27
CA LEU A 230 -13.81 7.27 -9.22
C LEU A 230 -13.75 6.82 -7.77
N GLN A 231 -13.11 7.67 -6.91
CA GLN A 231 -12.99 7.42 -5.47
C GLN A 231 -14.36 7.39 -4.78
N ASP A 232 -15.27 8.33 -5.14
CA ASP A 232 -16.63 8.38 -4.58
C ASP A 232 -17.48 7.18 -4.98
N ARG A 233 -17.37 6.76 -6.26
CA ARG A 233 -18.01 5.56 -6.84
C ARG A 233 -17.57 4.34 -6.01
N LEU A 234 -16.27 4.26 -5.62
CA LEU A 234 -15.67 3.21 -4.80
C LEU A 234 -16.11 3.32 -3.34
N CYS A 235 -16.19 4.55 -2.81
CA CYS A 235 -16.67 4.81 -1.44
C CYS A 235 -18.15 4.37 -1.27
N ASP A 236 -19.01 4.56 -2.30
CA ASP A 236 -20.42 4.14 -2.27
C ASP A 236 -20.50 2.63 -2.32
N VAL A 237 -19.63 1.97 -3.14
CA VAL A 237 -19.55 0.50 -3.26
C VAL A 237 -19.22 -0.07 -1.88
N LEU A 238 -18.22 0.51 -1.20
CA LEU A 238 -17.79 0.08 0.14
C LEU A 238 -18.92 0.23 1.17
N GLN A 239 -19.53 1.44 1.26
CA GLN A 239 -20.63 1.79 2.15
C GLN A 239 -21.81 0.83 2.03
N ALA A 240 -22.15 0.48 0.79
CA ALA A 240 -23.24 -0.45 0.48
C ALA A 240 -22.83 -1.87 0.86
N TYR A 241 -21.59 -2.29 0.53
CA TYR A 241 -21.10 -3.62 0.91
C TYR A 241 -21.24 -3.85 2.42
N ILE A 242 -20.75 -2.90 3.25
CA ILE A 242 -20.85 -3.00 4.70
C ILE A 242 -22.32 -3.10 5.16
N ARG A 243 -23.21 -2.26 4.62
CA ARG A 243 -24.63 -2.21 4.91
C ARG A 243 -25.33 -3.55 4.60
N ILE A 244 -25.16 -4.08 3.38
CA ILE A 244 -25.80 -5.32 2.94
C ILE A 244 -25.12 -6.58 3.51
N GLN A 245 -23.81 -6.70 3.33
CA GLN A 245 -23.04 -7.91 3.60
C GLN A 245 -22.24 -7.99 4.90
N HIS A 246 -22.16 -6.91 5.70
CA HIS A 246 -21.36 -7.01 6.92
C HIS A 246 -22.21 -6.87 8.17
N PRO A 247 -22.60 -8.00 8.83
CA PRO A 247 -23.42 -7.88 10.06
C PRO A 247 -22.57 -7.28 11.19
N GLY A 248 -23.05 -6.16 11.72
CA GLY A 248 -22.39 -5.42 12.79
C GLY A 248 -21.41 -4.36 12.34
N GLY A 249 -21.45 -4.00 11.05
CA GLY A 249 -20.56 -3.02 10.46
C GLY A 249 -21.04 -1.59 10.52
N ARG A 250 -22.07 -1.35 11.34
CA ARG A 250 -22.74 -0.06 11.57
C ARG A 250 -21.76 1.12 11.74
N LEU A 251 -20.57 0.86 12.33
CA LEU A 251 -19.57 1.91 12.56
C LEU A 251 -18.25 1.66 11.80
N LEU A 252 -18.17 0.57 11.00
CA LEU A 252 -16.98 0.17 10.24
C LEU A 252 -16.51 1.21 9.21
N TYR A 253 -17.40 1.66 8.31
CA TYR A 253 -17.07 2.62 7.25
C TYR A 253 -16.28 3.82 7.78
N ALA A 254 -16.75 4.43 8.87
CA ALA A 254 -16.13 5.58 9.53
C ALA A 254 -14.74 5.22 10.02
N LYS A 255 -14.62 4.09 10.74
CA LYS A 255 -13.37 3.55 11.28
C LYS A 255 -12.36 3.38 10.19
N MET A 256 -12.81 2.91 8.99
CA MET A 256 -11.97 2.68 7.79
C MET A 256 -11.50 3.98 7.19
N ILE A 257 -12.41 4.97 7.02
CA ILE A 257 -12.08 6.28 6.47
C ILE A 257 -11.06 6.97 7.38
N GLN A 258 -11.17 6.76 8.70
CA GLN A 258 -10.24 7.26 9.71
C GLN A 258 -8.84 6.62 9.53
N LYS A 259 -8.77 5.36 9.06
CA LYS A 259 -7.49 4.69 8.79
C LYS A 259 -6.72 5.35 7.65
N LEU A 260 -7.43 5.98 6.69
CA LEU A 260 -6.80 6.69 5.57
C LEU A 260 -6.10 7.94 6.07
N ALA A 261 -6.72 8.65 7.07
CA ALA A 261 -6.15 9.83 7.72
C ALA A 261 -4.84 9.41 8.41
N ASP A 262 -4.84 8.25 9.10
CA ASP A 262 -3.67 7.68 9.77
C ASP A 262 -2.54 7.45 8.79
N LEU A 263 -2.86 6.91 7.59
CA LEU A 263 -1.92 6.62 6.50
C LEU A 263 -1.20 7.87 6.02
N ARG A 264 -1.90 9.02 5.95
CA ARG A 264 -1.33 10.32 5.54
C ARG A 264 -0.17 10.74 6.42
N SER A 265 -0.34 10.63 7.76
CA SER A 265 0.71 10.97 8.74
C SER A 265 1.84 9.92 8.72
N LEU A 266 1.49 8.62 8.55
CA LEU A 266 2.49 7.55 8.44
C LEU A 266 3.32 7.75 7.18
N ASN A 267 2.65 8.20 6.09
CA ASN A 267 3.26 8.49 4.80
C ASN A 267 4.23 9.65 4.99
N GLU A 268 3.78 10.75 5.61
CA GLU A 268 4.62 11.92 5.86
C GLU A 268 5.91 11.57 6.61
N GLU A 269 5.78 10.77 7.69
CA GLU A 269 6.91 10.32 8.51
C GLU A 269 7.88 9.43 7.73
N HIS A 270 7.34 8.48 6.92
CA HIS A 270 8.16 7.60 6.10
C HIS A 270 8.98 8.42 5.10
N SER A 271 8.34 9.35 4.37
CA SER A 271 8.98 10.26 3.39
C SER A 271 10.14 11.04 3.98
N LYS A 272 9.99 11.57 5.21
CA LYS A 272 11.01 12.31 5.94
C LYS A 272 12.22 11.42 6.16
N GLN A 273 11.99 10.23 6.74
CA GLN A 273 13.01 9.23 7.09
C GLN A 273 13.69 8.68 5.85
N TYR A 274 12.92 8.49 4.76
CA TYR A 274 13.40 8.03 3.47
C TYR A 274 14.27 9.07 2.81
N ARG A 275 13.92 10.36 2.93
CA ARG A 275 14.69 11.49 2.36
C ARG A 275 16.09 11.49 3.00
N SER A 276 16.17 11.26 4.32
CA SER A 276 17.43 11.18 5.09
C SER A 276 18.34 10.13 4.46
N LEU A 277 17.84 8.89 4.36
CA LEU A 277 18.44 7.68 3.77
C LEU A 277 18.88 7.91 2.32
N SER A 278 17.95 8.39 1.46
CA SER A 278 18.19 8.67 0.04
C SER A 278 19.25 9.76 -0.19
N PHE A 279 19.55 10.59 0.81
CA PHE A 279 20.55 11.64 0.66
C PHE A 279 21.98 11.17 0.98
N GLN A 280 22.12 9.98 1.60
CA GLN A 280 23.43 9.39 1.96
C GLN A 280 23.76 8.35 0.87
N PRO A 281 24.72 8.65 -0.02
CA PRO A 281 24.98 7.74 -1.16
C PRO A 281 25.27 6.30 -0.78
N GLU A 282 25.86 6.05 0.41
CA GLU A 282 26.15 4.70 0.92
C GLU A 282 24.88 3.92 1.24
N HIS A 283 23.79 4.63 1.53
CA HIS A 283 22.48 4.01 1.75
C HIS A 283 21.66 3.98 0.45
N SER A 284 21.64 5.12 -0.28
CA SER A 284 20.89 5.19 -1.53
C SER A 284 21.37 4.09 -2.55
N MET A 285 22.66 3.76 -2.53
CA MET A 285 23.23 2.72 -3.39
C MET A 285 22.66 1.30 -3.12
N GLN A 286 22.06 1.07 -1.95
CA GLN A 286 21.44 -0.20 -1.52
C GLN A 286 19.97 -0.29 -1.97
N LEU A 287 19.40 0.84 -2.42
CA LEU A 287 18.02 0.86 -2.90
C LEU A 287 17.94 0.28 -4.31
N THR A 288 16.76 0.21 -4.88
CA THR A 288 16.64 -0.32 -6.24
C THR A 288 16.26 0.82 -7.15
N PRO A 289 16.51 0.70 -8.48
CA PRO A 289 16.04 1.74 -9.42
C PRO A 289 14.53 2.08 -9.29
N LEU A 290 13.67 1.07 -9.11
CA LEU A 290 12.21 1.26 -8.90
C LEU A 290 11.88 2.04 -7.61
N VAL A 291 12.51 1.69 -6.46
CA VAL A 291 12.31 2.40 -5.19
C VAL A 291 12.74 3.88 -5.34
N LEU A 292 13.95 4.11 -5.90
CA LEU A 292 14.48 5.47 -6.13
C LEU A 292 13.57 6.35 -6.96
N GLU A 293 12.96 5.78 -7.99
CA GLU A 293 12.08 6.47 -8.90
C GLU A 293 10.74 6.84 -8.27
N VAL A 294 10.10 5.88 -7.61
CA VAL A 294 8.80 6.01 -6.95
C VAL A 294 8.88 6.93 -5.70
N PHE A 295 9.94 6.81 -4.89
CA PHE A 295 10.03 7.61 -3.68
C PHE A 295 10.82 8.87 -3.89
N GLY A 296 11.29 9.06 -5.12
CA GLY A 296 12.08 10.19 -5.56
C GLY A 296 11.27 11.44 -5.86
N SER A 297 11.96 12.57 -5.84
CA SER A 297 11.40 13.91 -6.04
C SER A 297 11.12 14.34 -7.49
N GLU A 298 11.57 13.58 -8.56
CA GLU A 298 11.36 14.00 -9.96
C GLU A 298 9.89 14.22 -10.34
N VAL A 299 9.63 15.20 -11.22
CA VAL A 299 8.28 15.57 -11.68
C VAL A 299 8.01 15.07 -13.10
N ARG B 1 10.54 12.52 -15.91
CA ARG B 1 11.08 11.28 -16.45
C ARG B 1 10.18 10.07 -16.22
N HIS B 2 10.51 9.27 -15.18
CA HIS B 2 9.81 8.06 -14.70
C HIS B 2 9.78 6.88 -15.69
N LYS B 3 10.96 6.53 -16.22
CA LYS B 3 11.13 5.47 -17.21
C LYS B 3 10.56 4.12 -16.78
N ILE B 4 10.93 3.60 -15.58
CA ILE B 4 10.45 2.32 -15.05
C ILE B 4 8.93 2.30 -14.90
N LEU B 5 8.38 3.29 -14.18
CA LEU B 5 6.95 3.43 -13.90
C LEU B 5 6.13 3.47 -15.20
N HIS B 6 6.60 4.24 -16.20
CA HIS B 6 5.97 4.28 -17.52
C HIS B 6 5.93 2.91 -18.17
N ARG B 7 7.05 2.16 -18.11
CA ARG B 7 7.08 0.82 -18.67
C ARG B 7 6.12 -0.09 -17.96
N LEU B 8 6.16 -0.11 -16.61
CA LEU B 8 5.31 -0.96 -15.78
C LEU B 8 3.81 -0.66 -15.94
N LEU B 9 3.44 0.54 -16.46
CA LEU B 9 2.06 0.94 -16.69
C LEU B 9 1.64 0.65 -18.13
N GLN B 10 2.61 0.31 -18.99
CA GLN B 10 2.44 -0.10 -20.39
C GLN B 10 1.79 0.99 -21.24
#